data_9FOH
#
_entry.id   9FOH
#
_cell.length_a   104.840
_cell.length_b   110.420
_cell.length_c   36.140
_cell.angle_alpha   90.00
_cell.angle_beta   90.00
_cell.angle_gamma   90.00
#
_symmetry.space_group_name_H-M   'P 21 21 2'
#
loop_
_entity.id
_entity.type
_entity.pdbx_description
1 polymer 'Indoleamine 2,3-dioxygenase 1'
2 non-polymer 'TETRAETHYLENE GLYCOL'
3 non-polymer 'TRIETHYLENE GLYCOL'
4 non-polymer 'DIMETHYL SULFOXIDE'
5 non-polymer '((3aS,4R,6R,7aS)-2-((4-(tert-butyl)phenyl)sulfonyl)-5,5-dimethyloctahydro-3aH-4,6-methanoisoindol-3a-yl)methyl (4-iodophenyl)carbamate'
6 water water
#
_entity_poly.entity_id   1
_entity_poly.type   'polypeptide(L)'
_entity_poly.pdbx_seq_one_letter_code
;GPLGSGIQMENSWTISKEYHIDEEVGFALPNPQENLPDFYNDWMFIAKHLPDLIESGQLRERVEKLNMLSIDHLTDHKSQ
RLARLVLGCITMAYVWGKGHGDVRKVLPRNIAVPYCQLSKKLELPPILVYADCVLANWKKKDPNKPLTYENMDVLFSFRD
GDCSKGFFLVSLLVEIAAASAIKVIPTVFKAMQMQERDTLLKALLEIASCLEKALQVFHQIHDHVNPKAFFSVLRIYLSG
WKGNPQLSDGLVYEGFWEDPKEFAGGSAGQSSVFQCFDVLLGIQQTAGGGHAAQFLQDMRRYMPPAHRNFLCSLESNPSV
REFVLSKGDAGLREAYDACVKALVSLRSYHLQIVTKYILIPASQQPKENKTSEDPSKLEAKGTGGTDLMNFLKTVRSTTE
KSLL
;
_entity_poly.pdbx_strand_id   A
#
loop_
_chem_comp.id
_chem_comp.type
_chem_comp.name
_chem_comp.formula
A1IEE non-polymer '((3aS,4R,6R,7aS)-2-((4-(tert-butyl)phenyl)sulfonyl)-5,5-dimethyloctahydro-3aH-4,6-methanoisoindol-3a-yl)methyl (4-iodophenyl)carbamate' 'C29 H37 I N2 O4 S'
DMS non-polymer 'DIMETHYL SULFOXIDE' 'C2 H6 O S'
PG4 non-polymer 'TETRAETHYLENE GLYCOL' 'C8 H18 O5'
PGE non-polymer 'TRIETHYLENE GLYCOL' 'C6 H14 O4'
#
# COMPACT_ATOMS: atom_id res chain seq x y z
N SER A 5 -3.14 18.10 -20.11
CA SER A 5 -2.15 17.46 -19.19
C SER A 5 -1.61 16.17 -19.80
N GLY A 6 -0.54 15.65 -19.21
CA GLY A 6 -0.22 14.24 -19.40
C GLY A 6 -1.27 13.36 -18.78
N ILE A 7 -1.97 13.86 -17.75
CA ILE A 7 -3.03 13.12 -17.10
C ILE A 7 -4.21 12.98 -18.05
N GLN A 8 -4.54 11.73 -18.39
CA GLN A 8 -5.76 11.45 -19.14
C GLN A 8 -6.98 11.76 -18.27
N MET A 9 -8.00 12.38 -18.87
CA MET A 9 -9.19 12.79 -18.17
C MET A 9 -10.41 12.00 -18.64
N GLU A 10 -11.28 11.67 -17.68
CA GLU A 10 -12.58 11.09 -18.00
C GLU A 10 -13.51 12.15 -18.59
N ASN A 11 -13.46 13.36 -18.05
CA ASN A 11 -14.24 14.50 -18.52
C ASN A 11 -13.50 15.76 -18.10
N SER A 12 -14.18 16.91 -18.16
CA SER A 12 -13.51 18.17 -17.85
C SER A 12 -13.11 18.30 -16.40
N TRP A 13 -13.60 17.42 -15.53
CA TRP A 13 -13.38 17.55 -14.09
C TRP A 13 -12.58 16.41 -13.47
N THR A 14 -12.72 15.19 -13.99
CA THR A 14 -12.25 13.98 -13.31
C THR A 14 -11.21 13.25 -14.15
N ILE A 15 -10.16 12.76 -13.48
CA ILE A 15 -9.13 12.01 -14.20
C ILE A 15 -9.69 10.68 -14.70
N SER A 16 -8.96 10.08 -15.63
CA SER A 16 -9.41 8.84 -16.25
C SER A 16 -9.60 7.74 -15.22
N LYS A 17 -10.68 6.97 -15.39
CA LYS A 17 -10.91 5.80 -14.56
C LYS A 17 -9.82 4.75 -14.73
N GLU A 18 -9.03 4.82 -15.80
CA GLU A 18 -7.97 3.86 -16.02
C GLU A 18 -6.83 3.99 -15.02
N TYR A 19 -6.79 5.07 -14.24
CA TYR A 19 -5.77 5.20 -13.20
C TYR A 19 -6.14 4.49 -11.91
N HIS A 20 -7.39 4.03 -11.77
CA HIS A 20 -7.83 3.32 -10.57
CA HIS A 20 -7.84 3.31 -10.57
C HIS A 20 -7.57 4.14 -9.32
N ILE A 21 -7.91 5.43 -9.38
CA ILE A 21 -7.80 6.33 -8.25
C ILE A 21 -9.20 6.80 -7.91
N ASP A 22 -9.63 6.54 -6.69
CA ASP A 22 -10.99 6.84 -6.24
C ASP A 22 -11.06 8.25 -5.65
N GLU A 23 -12.18 8.93 -5.93
CA GLU A 23 -12.34 10.29 -5.41
C GLU A 23 -12.33 10.30 -3.88
N GLU A 24 -12.91 9.28 -3.26
CA GLU A 24 -13.07 9.27 -1.81
C GLU A 24 -11.88 8.65 -1.09
N VAL A 25 -11.28 7.58 -1.62
CA VAL A 25 -10.22 6.88 -0.91
C VAL A 25 -8.90 6.85 -1.68
N GLY A 26 -8.82 7.50 -2.84
CA GLY A 26 -7.52 7.74 -3.46
C GLY A 26 -6.92 6.48 -4.06
N PHE A 27 -5.69 6.19 -3.65
CA PHE A 27 -5.01 4.98 -4.09
C PHE A 27 -5.57 3.73 -3.42
N ALA A 28 -6.30 3.88 -2.33
CA ALA A 28 -6.91 2.71 -1.70
C ALA A 28 -7.98 2.14 -2.62
N LEU A 29 -8.25 0.84 -2.44
CA LEU A 29 -9.31 0.19 -3.18
C LEU A 29 -10.65 0.52 -2.56
N PRO A 30 -11.59 1.12 -3.30
CA PRO A 30 -12.88 1.45 -2.70
C PRO A 30 -13.70 0.20 -2.41
N ASN A 31 -14.41 0.22 -1.27
CA ASN A 31 -15.30 -0.83 -0.81
C ASN A 31 -14.77 -2.21 -1.18
N PRO A 32 -13.67 -2.65 -0.57
CA PRO A 32 -13.09 -3.94 -0.95
C PRO A 32 -14.08 -5.09 -0.76
N GLN A 33 -13.91 -6.11 -1.60
CA GLN A 33 -14.65 -7.35 -1.41
C GLN A 33 -14.16 -8.04 -0.14
N GLU A 34 -15.12 -8.58 0.63
CA GLU A 34 -14.80 -9.27 1.88
CA GLU A 34 -14.80 -9.27 1.88
C GLU A 34 -14.92 -10.78 1.78
N ASN A 35 -15.75 -11.28 0.89
CA ASN A 35 -15.98 -12.72 0.75
C ASN A 35 -15.64 -13.14 -0.67
N LEU A 36 -14.97 -14.26 -0.80
CA LEU A 36 -14.75 -14.89 -2.09
C LEU A 36 -15.92 -15.81 -2.41
N PRO A 37 -16.07 -16.22 -3.66
CA PRO A 37 -17.04 -17.27 -3.98
C PRO A 37 -16.82 -18.51 -3.11
N ASP A 38 -17.92 -19.21 -2.82
CA ASP A 38 -17.85 -20.41 -1.99
C ASP A 38 -16.78 -21.39 -2.48
N PHE A 39 -16.49 -21.38 -3.79
CA PHE A 39 -15.47 -22.26 -4.35
C PHE A 39 -14.15 -22.13 -3.58
N TYR A 40 -13.85 -20.96 -3.03
CA TYR A 40 -12.57 -20.68 -2.41
C TYR A 40 -12.65 -20.70 -0.88
N ASN A 41 -13.65 -21.37 -0.32
CA ASN A 41 -13.83 -21.35 1.12
C ASN A 41 -12.61 -21.87 1.87
N ASP A 42 -11.87 -22.83 1.29
CA ASP A 42 -10.71 -23.38 1.99
C ASP A 42 -9.60 -22.34 2.13
N TRP A 43 -9.40 -21.51 1.11
CA TRP A 43 -8.45 -20.40 1.26
C TRP A 43 -8.91 -19.43 2.34
N MET A 44 -10.19 -19.07 2.31
CA MET A 44 -10.71 -18.07 3.25
CA MET A 44 -10.71 -18.07 3.25
C MET A 44 -10.60 -18.57 4.69
N PHE A 45 -10.88 -19.85 4.92
CA PHE A 45 -10.78 -20.39 6.26
C PHE A 45 -9.37 -20.20 6.81
N ILE A 46 -8.36 -20.55 6.02
CA ILE A 46 -6.98 -20.44 6.49
C ILE A 46 -6.63 -18.99 6.76
N ALA A 47 -6.95 -18.09 5.84
CA ALA A 47 -6.60 -16.69 6.02
C ALA A 47 -7.31 -16.10 7.24
N LYS A 48 -8.58 -16.41 7.41
CA LYS A 48 -9.34 -15.90 8.55
C LYS A 48 -8.82 -16.45 9.88
N HIS A 49 -8.18 -17.62 9.87
CA HIS A 49 -7.70 -18.27 11.08
C HIS A 49 -6.19 -18.22 11.22
N LEU A 50 -5.50 -17.36 10.45
CA LEU A 50 -4.05 -17.31 10.56
C LEU A 50 -3.56 -17.12 11.98
N PRO A 51 -4.11 -16.22 12.80
CA PRO A 51 -3.58 -16.08 14.16
C PRO A 51 -3.57 -17.38 14.94
N ASP A 52 -4.67 -18.11 14.98
CA ASP A 52 -4.70 -19.33 15.78
C ASP A 52 -3.98 -20.48 15.06
N LEU A 53 -3.95 -20.48 13.73
CA LEU A 53 -3.21 -21.52 13.02
C LEU A 53 -1.71 -21.33 13.16
N ILE A 54 -1.21 -20.09 13.06
CA ILE A 54 0.22 -19.89 13.26
C ILE A 54 0.58 -20.21 14.71
N GLU A 55 -0.19 -19.69 15.65
CA GLU A 55 0.15 -19.83 17.07
C GLU A 55 0.21 -21.29 17.48
N SER A 56 -0.71 -22.11 16.97
CA SER A 56 -0.74 -23.53 17.30
C SER A 56 0.21 -24.38 16.47
N GLY A 57 0.93 -23.77 15.53
CA GLY A 57 1.81 -24.55 14.67
C GLY A 57 1.08 -25.42 13.68
N GLN A 58 -0.17 -25.10 13.37
CA GLN A 58 -1.01 -25.89 12.48
C GLN A 58 -1.03 -25.35 11.05
N LEU A 59 -0.53 -24.14 10.84
CA LEU A 59 -0.73 -23.46 9.56
C LEU A 59 -0.08 -24.23 8.40
N ARG A 60 1.18 -24.64 8.57
CA ARG A 60 1.89 -25.23 7.43
C ARG A 60 1.26 -26.54 7.00
N GLU A 61 0.92 -27.41 7.96
CA GLU A 61 0.25 -28.66 7.62
CA GLU A 61 0.25 -28.66 7.61
C GLU A 61 -1.09 -28.41 6.94
N ARG A 62 -1.82 -27.38 7.38
CA ARG A 62 -3.09 -27.04 6.76
C ARG A 62 -2.89 -26.62 5.31
N VAL A 63 -1.88 -25.79 5.05
CA VAL A 63 -1.61 -25.37 3.68
C VAL A 63 -1.21 -26.56 2.84
N GLU A 64 -0.44 -27.48 3.42
CA GLU A 64 0.05 -28.63 2.67
C GLU A 64 -1.05 -29.61 2.31
N LYS A 65 -2.21 -29.53 2.95
CA LYS A 65 -3.34 -30.39 2.62
C LYS A 65 -4.34 -29.73 1.69
N LEU A 66 -4.13 -28.47 1.33
CA LEU A 66 -5.04 -27.80 0.40
C LEU A 66 -5.06 -28.49 -0.96
N ASN A 67 -6.24 -28.56 -1.55
CA ASN A 67 -6.37 -28.95 -2.94
C ASN A 67 -6.12 -27.75 -3.85
N MET A 68 -5.94 -28.02 -5.14
CA MET A 68 -5.67 -26.96 -6.10
C MET A 68 -6.99 -26.33 -6.53
N LEU A 69 -7.10 -25.01 -6.39
CA LEU A 69 -8.29 -24.27 -6.78
C LEU A 69 -7.94 -23.31 -7.92
N SER A 70 -8.57 -23.52 -9.07
CA SER A 70 -8.33 -22.66 -10.22
C SER A 70 -8.76 -21.22 -9.93
N ILE A 71 -8.04 -20.27 -10.53
CA ILE A 71 -8.37 -18.86 -10.35
C ILE A 71 -9.42 -18.36 -11.36
N ASP A 72 -9.92 -19.24 -12.23
CA ASP A 72 -10.82 -18.80 -13.29
C ASP A 72 -12.13 -18.24 -12.76
N HIS A 73 -12.52 -18.55 -11.53
CA HIS A 73 -13.76 -18.08 -10.96
C HIS A 73 -13.62 -16.74 -10.25
N LEU A 74 -12.47 -16.09 -10.38
CA LEU A 74 -12.24 -14.75 -9.85
C LEU A 74 -12.35 -13.80 -11.04
N THR A 75 -13.57 -13.36 -11.32
CA THR A 75 -13.88 -12.79 -12.63
C THR A 75 -13.77 -11.26 -12.69
N ASP A 76 -13.55 -10.58 -11.57
CA ASP A 76 -13.45 -9.13 -11.58
C ASP A 76 -12.30 -8.68 -10.68
N HIS A 77 -11.97 -7.39 -10.80
CA HIS A 77 -10.78 -6.87 -10.13
C HIS A 77 -10.85 -7.05 -8.62
N LYS A 78 -11.99 -6.76 -8.02
CA LYS A 78 -12.08 -6.79 -6.56
C LYS A 78 -11.91 -8.20 -6.02
N SER A 79 -12.51 -9.20 -6.68
CA SER A 79 -12.34 -10.58 -6.23
C SER A 79 -10.89 -11.03 -6.41
N GLN A 80 -10.25 -10.58 -7.48
CA GLN A 80 -8.84 -10.89 -7.69
C GLN A 80 -7.96 -10.21 -6.63
N ARG A 81 -8.28 -8.97 -6.26
CA ARG A 81 -7.51 -8.29 -5.23
C ARG A 81 -7.69 -8.97 -3.87
N LEU A 82 -8.91 -9.39 -3.57
CA LEU A 82 -9.14 -10.11 -2.32
C LEU A 82 -8.38 -11.44 -2.31
N ALA A 83 -8.47 -12.18 -3.41
CA ALA A 83 -7.75 -13.46 -3.48
C ALA A 83 -6.24 -13.26 -3.35
N ARG A 84 -5.71 -12.18 -3.94
CA ARG A 84 -4.29 -11.87 -3.79
C ARG A 84 -3.94 -11.60 -2.33
N LEU A 85 -4.78 -10.83 -1.64
CA LEU A 85 -4.55 -10.56 -0.22
C LEU A 85 -4.60 -11.84 0.59
N VAL A 86 -5.61 -12.68 0.33
CA VAL A 86 -5.74 -13.96 1.02
C VAL A 86 -4.50 -14.81 0.79
N LEU A 87 -4.13 -15.04 -0.47
CA LEU A 87 -3.02 -15.92 -0.76
C LEU A 87 -1.69 -15.32 -0.30
N GLY A 88 -1.56 -13.99 -0.34
CA GLY A 88 -0.34 -13.37 0.12
C GLY A 88 -0.13 -13.51 1.61
N CYS A 89 -1.22 -13.35 2.38
CA CYS A 89 -1.12 -13.52 3.83
C CYS A 89 -0.74 -14.95 4.18
N ILE A 90 -1.39 -15.92 3.52
CA ILE A 90 -1.04 -17.32 3.75
C ILE A 90 0.42 -17.56 3.39
N THR A 91 0.88 -16.98 2.29
CA THR A 91 2.27 -17.19 1.87
C THR A 91 3.24 -16.67 2.93
N MET A 92 3.04 -15.44 3.41
CA MET A 92 3.97 -14.93 4.41
C MET A 92 3.94 -15.80 5.67
N ALA A 93 2.74 -16.23 6.09
CA ALA A 93 2.62 -17.09 7.26
C ALA A 93 3.31 -18.43 7.03
N TYR A 94 3.21 -18.96 5.81
CA TYR A 94 3.82 -20.26 5.51
C TYR A 94 5.34 -20.15 5.51
N VAL A 95 5.88 -19.12 4.86
CA VAL A 95 7.33 -18.98 4.74
C VAL A 95 7.96 -18.76 6.12
N TRP A 96 7.39 -17.84 6.90
CA TRP A 96 8.05 -17.42 8.14
C TRP A 96 7.62 -18.19 9.36
N GLY A 97 6.45 -18.83 9.32
CA GLY A 97 6.01 -19.61 10.47
C GLY A 97 5.84 -18.71 11.67
N LYS A 98 6.36 -19.16 12.81
CA LYS A 98 6.29 -18.37 14.04
C LYS A 98 7.40 -17.32 14.12
N GLY A 99 8.30 -17.28 13.15
CA GLY A 99 9.33 -16.26 13.12
C GLY A 99 10.51 -16.51 14.01
N HIS A 100 10.89 -17.77 14.21
CA HIS A 100 12.00 -18.14 15.08
C HIS A 100 13.17 -18.74 14.30
N GLY A 101 13.19 -18.55 12.98
CA GLY A 101 14.24 -19.10 12.15
C GLY A 101 13.88 -20.36 11.41
N ASP A 102 12.77 -21.01 11.77
CA ASP A 102 12.28 -22.18 11.03
C ASP A 102 11.51 -21.67 9.82
N VAL A 103 12.25 -21.46 8.74
CA VAL A 103 11.67 -20.93 7.51
C VAL A 103 11.42 -22.10 6.55
N ARG A 104 10.48 -21.89 5.65
CA ARG A 104 10.23 -22.81 4.55
CA ARG A 104 10.23 -22.81 4.55
C ARG A 104 10.72 -22.16 3.26
N LYS A 105 11.53 -22.89 2.50
CA LYS A 105 12.13 -22.40 1.27
C LYS A 105 11.35 -22.77 0.02
N VAL A 106 10.30 -23.58 0.16
CA VAL A 106 9.45 -23.99 -0.96
C VAL A 106 8.01 -23.69 -0.59
N LEU A 107 7.33 -22.90 -1.44
CA LEU A 107 5.90 -22.64 -1.28
C LEU A 107 5.13 -23.71 -2.04
N PRO A 108 4.26 -24.49 -1.39
CA PRO A 108 3.60 -25.62 -2.07
C PRO A 108 2.79 -25.16 -3.29
N ARG A 109 2.73 -26.05 -4.28
CA ARG A 109 2.16 -25.66 -5.57
C ARG A 109 0.70 -25.27 -5.51
N ASN A 110 -0.07 -25.85 -4.58
CA ASN A 110 -1.49 -25.54 -4.56
C ASN A 110 -1.78 -24.15 -4.00
N ILE A 111 -0.78 -23.47 -3.45
CA ILE A 111 -0.84 -22.02 -3.25
C ILE A 111 -0.01 -21.28 -4.29
N ALA A 112 1.20 -21.78 -4.57
CA ALA A 112 2.13 -21.03 -5.41
C ALA A 112 1.56 -20.80 -6.80
N VAL A 113 0.94 -21.82 -7.40
CA VAL A 113 0.48 -21.70 -8.78
C VAL A 113 -0.65 -20.68 -8.88
N PRO A 114 -1.75 -20.83 -8.11
CA PRO A 114 -2.80 -19.81 -8.20
C PRO A 114 -2.33 -18.42 -7.79
N TYR A 115 -1.48 -18.34 -6.76
CA TYR A 115 -0.97 -17.05 -6.34
C TYR A 115 -0.18 -16.39 -7.46
N CYS A 116 0.70 -17.16 -8.10
CA CYS A 116 1.55 -16.60 -9.15
C CYS A 116 0.74 -16.25 -10.39
N GLN A 117 -0.28 -17.05 -10.70
CA GLN A 117 -1.14 -16.73 -11.85
C GLN A 117 -1.93 -15.46 -11.60
N LEU A 118 -2.47 -15.29 -10.38
CA LEU A 118 -3.20 -14.08 -10.04
C LEU A 118 -2.28 -12.87 -10.05
N SER A 119 -1.05 -13.05 -9.55
CA SER A 119 -0.09 -11.96 -9.53
C SER A 119 0.25 -11.51 -10.94
N LYS A 120 0.44 -12.47 -11.85
CA LYS A 120 0.70 -12.16 -13.25
C LYS A 120 -0.44 -11.34 -13.85
N LYS A 121 -1.70 -11.76 -13.58
CA LYS A 121 -2.85 -11.04 -14.08
C LYS A 121 -2.88 -9.59 -13.63
N LEU A 122 -2.55 -9.35 -12.35
CA LEU A 122 -2.58 -8.00 -11.78
C LEU A 122 -1.25 -7.26 -11.93
N GLU A 123 -0.24 -7.91 -12.51
CA GLU A 123 1.08 -7.33 -12.70
CA GLU A 123 1.09 -7.34 -12.70
C GLU A 123 1.69 -6.87 -11.38
N LEU A 124 1.52 -7.68 -10.33
CA LEU A 124 2.15 -7.43 -9.05
C LEU A 124 3.04 -8.62 -8.71
N PRO A 125 4.11 -8.42 -7.95
CA PRO A 125 4.98 -9.54 -7.61
C PRO A 125 4.26 -10.51 -6.69
N PRO A 126 4.61 -11.80 -6.72
CA PRO A 126 4.01 -12.81 -5.84
C PRO A 126 4.57 -12.76 -4.42
N ILE A 127 4.40 -11.60 -3.80
CA ILE A 127 4.73 -11.40 -2.39
C ILE A 127 3.73 -10.37 -1.89
N LEU A 128 3.45 -10.41 -0.58
CA LEU A 128 2.54 -9.43 -0.01
C LEU A 128 3.11 -8.02 -0.21
N VAL A 129 2.27 -7.11 -0.70
CA VAL A 129 2.64 -5.70 -0.89
C VAL A 129 1.60 -4.81 -0.22
N TYR A 130 1.95 -3.52 -0.15
CA TYR A 130 1.09 -2.51 0.48
C TYR A 130 -0.31 -2.50 -0.12
N ALA A 131 -0.41 -2.65 -1.45
CA ALA A 131 -1.72 -2.65 -2.09
C ALA A 131 -2.60 -3.79 -1.61
N ASP A 132 -1.99 -4.87 -1.08
CA ASP A 132 -2.76 -5.96 -0.49
C ASP A 132 -3.13 -5.67 0.96
N CYS A 133 -2.13 -5.56 1.85
CA CYS A 133 -2.38 -5.59 3.28
CA CYS A 133 -2.37 -5.55 3.30
C CYS A 133 -2.91 -4.26 3.82
N VAL A 134 -2.82 -3.17 3.07
CA VAL A 134 -3.40 -1.90 3.47
C VAL A 134 -4.53 -1.48 2.53
N LEU A 135 -4.23 -1.35 1.22
CA LEU A 135 -5.18 -0.68 0.34
C LEU A 135 -6.42 -1.53 0.08
N ALA A 136 -6.33 -2.85 0.18
CA ALA A 136 -7.47 -3.73 -0.05
C ALA A 136 -7.91 -4.49 1.20
N ASN A 137 -7.26 -4.24 2.34
CA ASN A 137 -7.45 -5.05 3.54
C ASN A 137 -8.31 -4.29 4.56
N TRP A 138 -9.53 -3.92 4.16
CA TRP A 138 -10.34 -3.12 5.07
C TRP A 138 -11.83 -3.23 4.74
N LYS A 139 -12.64 -2.87 5.74
CA LYS A 139 -14.08 -2.80 5.60
C LYS A 139 -14.63 -1.75 6.55
N LYS A 140 -15.84 -1.29 6.25
CA LYS A 140 -16.61 -0.48 7.19
C LYS A 140 -17.42 -1.40 8.08
N LYS A 141 -17.47 -1.08 9.38
CA LYS A 141 -18.39 -1.81 10.26
C LYS A 141 -19.83 -1.43 9.95
N ASP A 142 -20.10 -0.14 9.87
CA ASP A 142 -21.43 0.38 9.53
C ASP A 142 -21.35 1.06 8.18
N PRO A 143 -21.95 0.51 7.11
CA PRO A 143 -21.86 1.16 5.79
C PRO A 143 -22.42 2.58 5.78
N ASN A 144 -23.27 2.93 6.73
CA ASN A 144 -23.90 4.24 6.75
C ASN A 144 -23.11 5.29 7.53
N LYS A 145 -22.00 4.89 8.15
CA LYS A 145 -21.17 5.78 8.93
C LYS A 145 -19.88 6.12 8.17
N PRO A 146 -19.20 7.20 8.54
CA PRO A 146 -18.03 7.64 7.76
C PRO A 146 -16.80 6.75 7.93
N LEU A 147 -15.72 7.13 7.24
CA LEU A 147 -14.47 6.38 7.29
C LEU A 147 -13.65 6.89 8.46
N THR A 148 -13.85 6.24 9.62
CA THR A 148 -13.13 6.55 10.85
C THR A 148 -12.60 5.25 11.44
N TYR A 149 -11.55 5.36 12.25
CA TYR A 149 -10.99 4.17 12.88
C TYR A 149 -12.06 3.39 13.64
N GLU A 150 -12.93 4.10 14.36
CA GLU A 150 -13.98 3.45 15.13
C GLU A 150 -14.93 2.65 14.23
N ASN A 151 -15.10 3.07 12.99
CA ASN A 151 -16.06 2.43 12.10
C ASN A 151 -15.41 1.50 11.08
N MET A 152 -14.15 1.11 11.27
CA MET A 152 -13.49 0.27 10.28
C MET A 152 -12.71 -0.85 10.96
N ASP A 153 -12.38 -1.84 10.14
CA ASP A 153 -11.61 -2.99 10.57
C ASP A 153 -10.78 -3.48 9.40
N VAL A 154 -9.76 -4.26 9.70
CA VAL A 154 -9.02 -4.96 8.67
C VAL A 154 -9.74 -6.27 8.37
N LEU A 155 -9.43 -6.86 7.23
CA LEU A 155 -9.95 -8.18 6.90
C LEU A 155 -9.08 -9.29 7.47
N PHE A 156 -7.77 -9.09 7.50
CA PHE A 156 -6.84 -10.14 7.90
C PHE A 156 -5.70 -9.61 8.76
N SER A 157 -5.34 -10.42 9.76
CA SER A 157 -4.20 -10.19 10.63
CA SER A 157 -4.20 -10.19 10.63
C SER A 157 -3.35 -11.45 10.64
N PHE A 158 -2.13 -11.33 11.16
CA PHE A 158 -1.21 -12.48 11.21
C PHE A 158 -1.20 -13.17 12.56
N ARG A 159 -0.97 -12.43 13.63
CA ARG A 159 -0.93 -12.98 14.98
C ARG A 159 -1.79 -12.12 15.90
N ASP A 160 -2.41 -12.75 16.90
CA ASP A 160 -3.09 -11.98 17.92
C ASP A 160 -2.07 -11.15 18.68
N GLY A 161 -2.32 -9.84 18.75
CA GLY A 161 -1.39 -8.93 19.36
C GLY A 161 -0.35 -8.35 18.44
N ASP A 162 -0.42 -8.60 17.13
CA ASP A 162 0.58 -8.08 16.22
C ASP A 162 0.35 -6.63 15.88
N CYS A 163 -0.75 -6.04 16.35
CA CYS A 163 -1.10 -4.63 16.10
C CYS A 163 -1.31 -4.36 14.62
N SER A 164 -1.70 -5.38 13.85
CA SER A 164 -1.89 -5.18 12.42
C SER A 164 -3.08 -4.28 12.12
N LYS A 165 -4.15 -4.36 12.92
CA LYS A 165 -5.27 -3.46 12.69
C LYS A 165 -4.81 -2.01 12.80
N GLY A 166 -4.10 -1.67 13.87
CA GLY A 166 -3.64 -0.30 14.05
C GLY A 166 -2.69 0.13 12.97
N PHE A 167 -1.71 -0.72 12.64
CA PHE A 167 -0.69 -0.37 11.67
C PHE A 167 -1.31 -0.20 10.28
N PHE A 168 -2.12 -1.16 9.87
CA PHE A 168 -2.71 -1.13 8.54
C PHE A 168 -3.78 -0.04 8.43
N LEU A 169 -4.67 0.05 9.43
CA LEU A 169 -5.78 0.99 9.31
C LEU A 169 -5.32 2.44 9.43
N VAL A 170 -4.36 2.72 10.31
CA VAL A 170 -3.86 4.10 10.37
C VAL A 170 -3.22 4.47 9.04
N SER A 171 -2.44 3.55 8.45
CA SER A 171 -1.85 3.82 7.15
C SER A 171 -2.94 4.09 6.12
N LEU A 172 -3.99 3.26 6.10
CA LEU A 172 -5.08 3.45 5.17
C LEU A 172 -5.75 4.79 5.36
N LEU A 173 -5.94 5.22 6.61
CA LEU A 173 -6.61 6.49 6.87
C LEU A 173 -5.75 7.66 6.43
N VAL A 174 -4.42 7.51 6.47
CA VAL A 174 -3.55 8.52 5.86
C VAL A 174 -3.78 8.57 4.35
N GLU A 175 -3.88 7.41 3.70
CA GLU A 175 -4.15 7.38 2.26
C GLU A 175 -5.48 8.05 1.94
N ILE A 176 -6.48 7.82 2.79
CA ILE A 176 -7.80 8.41 2.55
C ILE A 176 -7.75 9.92 2.73
N ALA A 177 -7.03 10.39 3.75
CA ALA A 177 -6.84 11.83 3.89
C ALA A 177 -6.16 12.42 2.67
N ALA A 178 -5.11 11.74 2.17
CA ALA A 178 -4.43 12.21 0.97
C ALA A 178 -5.35 12.23 -0.24
N ALA A 179 -6.38 11.37 -0.25
CA ALA A 179 -7.28 11.32 -1.39
C ALA A 179 -7.93 12.68 -1.65
N SER A 180 -8.20 13.45 -0.61
CA SER A 180 -8.83 14.75 -0.81
CA SER A 180 -8.83 14.75 -0.81
C SER A 180 -7.87 15.75 -1.43
N ALA A 181 -6.56 15.50 -1.36
CA ALA A 181 -5.59 16.32 -2.07
C ALA A 181 -5.41 15.84 -3.51
N ILE A 182 -5.42 14.52 -3.72
CA ILE A 182 -5.20 13.98 -5.05
C ILE A 182 -6.27 14.46 -6.02
N LYS A 183 -7.53 14.53 -5.57
CA LYS A 183 -8.62 14.89 -6.47
C LYS A 183 -8.56 16.36 -6.90
N VAL A 184 -7.73 17.17 -6.23
CA VAL A 184 -7.53 18.57 -6.63
C VAL A 184 -6.47 18.72 -7.72
N ILE A 185 -5.73 17.66 -8.03
CA ILE A 185 -4.58 17.80 -8.94
C ILE A 185 -4.99 18.33 -10.30
N PRO A 186 -6.07 17.85 -10.94
CA PRO A 186 -6.45 18.44 -12.23
C PRO A 186 -6.75 19.92 -12.14
N THR A 187 -7.31 20.38 -11.02
CA THR A 187 -7.58 21.81 -10.86
C THR A 187 -6.30 22.63 -10.88
N VAL A 188 -5.24 22.11 -10.25
CA VAL A 188 -3.94 22.79 -10.28
C VAL A 188 -3.51 23.04 -11.71
N PHE A 189 -3.55 22.00 -12.55
CA PHE A 189 -3.03 22.14 -13.90
C PHE A 189 -3.98 22.95 -14.80
N LYS A 190 -5.30 22.84 -14.59
CA LYS A 190 -6.21 23.69 -15.34
C LYS A 190 -6.00 25.15 -14.96
N ALA A 191 -5.81 25.43 -13.67
CA ALA A 191 -5.63 26.80 -13.23
C ALA A 191 -4.34 27.40 -13.80
N MET A 192 -3.29 26.58 -13.96
CA MET A 192 -2.08 27.09 -14.60
C MET A 192 -2.32 27.37 -16.08
N GLN A 193 -3.01 26.47 -16.78
CA GLN A 193 -3.30 26.69 -18.19
C GLN A 193 -4.14 27.95 -18.41
N MET A 194 -5.14 28.17 -17.55
CA MET A 194 -6.05 29.30 -17.67
C MET A 194 -5.55 30.56 -16.97
N GLN A 195 -4.38 30.51 -16.32
CA GLN A 195 -3.85 31.64 -15.57
C GLN A 195 -4.88 32.18 -14.58
N GLU A 196 -5.49 31.27 -13.83
CA GLU A 196 -6.46 31.62 -12.79
C GLU A 196 -5.75 31.63 -11.44
N ARG A 197 -5.40 32.83 -10.99
CA ARG A 197 -4.58 32.95 -9.77
C ARG A 197 -5.29 32.36 -8.56
N ASP A 198 -6.52 32.81 -8.28
CA ASP A 198 -7.22 32.36 -7.09
C ASP A 198 -7.51 30.86 -7.14
N THR A 199 -7.88 30.35 -8.32
CA THR A 199 -8.16 28.92 -8.43
C THR A 199 -6.93 28.10 -8.07
N LEU A 200 -5.76 28.50 -8.56
CA LEU A 200 -4.52 27.80 -8.22
C LEU A 200 -4.22 27.93 -6.73
N LEU A 201 -4.37 29.14 -6.18
CA LEU A 201 -4.10 29.36 -4.76
C LEU A 201 -4.97 28.45 -3.90
N LYS A 202 -6.27 28.41 -4.18
CA LYS A 202 -7.19 27.63 -3.37
C LYS A 202 -6.92 26.14 -3.54
N ALA A 203 -6.51 25.71 -4.72
CA ALA A 203 -6.15 24.31 -4.92
C ALA A 203 -4.93 23.95 -4.08
N LEU A 204 -3.90 24.80 -4.10
CA LEU A 204 -2.71 24.51 -3.32
C LEU A 204 -2.98 24.55 -1.82
N LEU A 205 -3.85 25.47 -1.38
CA LEU A 205 -4.16 25.51 0.05
C LEU A 205 -4.97 24.28 0.47
N GLU A 206 -5.84 23.80 -0.42
CA GLU A 206 -6.60 22.58 -0.10
C GLU A 206 -5.67 21.38 -0.03
N ILE A 207 -4.73 21.27 -0.97
CA ILE A 207 -3.74 20.20 -0.92
C ILE A 207 -2.94 20.26 0.37
N ALA A 208 -2.46 21.45 0.73
CA ALA A 208 -1.75 21.60 2.00
C ALA A 208 -2.61 21.17 3.18
N SER A 209 -3.86 21.63 3.21
CA SER A 209 -4.75 21.31 4.32
C SER A 209 -4.94 19.80 4.44
N CYS A 210 -5.07 19.12 3.31
CA CYS A 210 -5.34 17.68 3.34
C CYS A 210 -4.09 16.90 3.73
N LEU A 211 -2.91 17.33 3.27
CA LEU A 211 -1.67 16.69 3.69
C LEU A 211 -1.37 16.95 5.15
N GLU A 212 -1.73 18.13 5.67
CA GLU A 212 -1.60 18.37 7.10
C GLU A 212 -2.53 17.45 7.89
N LYS A 213 -3.76 17.27 7.42
CA LYS A 213 -4.69 16.33 8.06
C LYS A 213 -4.12 14.92 8.01
N ALA A 214 -3.47 14.55 6.91
CA ALA A 214 -2.88 13.23 6.80
C ALA A 214 -1.82 13.02 7.86
N LEU A 215 -1.01 14.03 8.14
CA LEU A 215 -0.03 13.90 9.22
C LEU A 215 -0.72 13.71 10.57
N GLN A 216 -1.80 14.46 10.82
CA GLN A 216 -2.50 14.33 12.09
CA GLN A 216 -2.51 14.32 12.09
C GLN A 216 -3.08 12.92 12.25
N VAL A 217 -3.55 12.33 11.15
CA VAL A 217 -4.03 10.94 11.20
C VAL A 217 -2.87 10.00 11.49
N PHE A 218 -1.71 10.26 10.87
CA PHE A 218 -0.52 9.43 11.05
C PHE A 218 -0.11 9.38 12.52
N HIS A 219 -0.29 10.49 13.24
CA HIS A 219 0.02 10.54 14.66
C HIS A 219 -0.72 9.48 15.48
N GLN A 220 -1.85 8.99 14.98
CA GLN A 220 -2.63 8.00 15.73
C GLN A 220 -1.92 6.65 15.83
N ILE A 221 -0.85 6.44 15.05
CA ILE A 221 -0.20 5.14 15.04
C ILE A 221 0.24 4.75 16.45
N HIS A 222 0.67 5.74 17.25
CA HIS A 222 1.17 5.44 18.58
C HIS A 222 0.09 4.89 19.49
N ASP A 223 -1.16 5.27 19.26
CA ASP A 223 -2.24 4.80 20.11
C ASP A 223 -2.70 3.39 19.78
N HIS A 224 -2.26 2.82 18.66
CA HIS A 224 -2.77 1.53 18.24
C HIS A 224 -1.68 0.54 17.84
N VAL A 225 -0.41 0.91 18.00
CA VAL A 225 0.70 0.01 17.71
C VAL A 225 1.70 0.10 18.84
N ASN A 226 2.04 -1.05 19.40
CA ASN A 226 3.07 -1.18 20.44
C ASN A 226 4.41 -1.43 19.76
N PRO A 227 5.45 -0.63 20.03
CA PRO A 227 6.72 -0.83 19.33
C PRO A 227 7.28 -2.25 19.42
N LYS A 228 7.22 -2.87 20.59
CA LYS A 228 7.82 -4.18 20.75
C LYS A 228 7.04 -5.24 19.98
N ALA A 229 5.70 -5.13 19.97
CA ALA A 229 4.89 -6.07 19.21
C ALA A 229 5.13 -5.90 17.71
N PHE A 230 5.22 -4.65 17.25
CA PHE A 230 5.51 -4.44 15.83
C PHE A 230 6.84 -5.05 15.44
N PHE A 231 7.90 -4.73 16.18
CA PHE A 231 9.23 -5.16 15.78
C PHE A 231 9.41 -6.67 15.89
N SER A 232 8.90 -7.27 16.95
CA SER A 232 9.15 -8.68 17.21
CA SER A 232 9.15 -8.68 17.21
C SER A 232 8.14 -9.60 16.57
N VAL A 233 6.98 -9.09 16.15
CA VAL A 233 5.94 -9.96 15.62
C VAL A 233 5.52 -9.55 14.21
N LEU A 234 4.88 -8.39 14.07
CA LEU A 234 4.32 -8.02 12.77
C LEU A 234 5.39 -7.92 11.69
N ARG A 235 6.54 -7.32 12.03
CA ARG A 235 7.58 -7.05 11.04
C ARG A 235 8.03 -8.33 10.34
N ILE A 236 7.99 -9.46 11.05
CA ILE A 236 8.34 -10.75 10.46
C ILE A 236 7.59 -10.97 9.15
N TYR A 237 6.26 -10.80 9.19
CA TYR A 237 5.38 -11.15 8.09
C TYR A 237 5.38 -10.11 6.98
N LEU A 238 6.02 -8.97 7.20
CA LEU A 238 6.21 -7.98 6.15
C LEU A 238 7.60 -8.08 5.53
N SER A 239 8.39 -9.05 5.95
CA SER A 239 9.74 -9.25 5.43
C SER A 239 9.72 -10.16 4.21
N GLY A 240 10.67 -9.92 3.31
CA GLY A 240 10.69 -10.64 2.05
C GLY A 240 11.92 -11.51 1.86
N TRP A 241 12.18 -11.89 0.61
CA TRP A 241 13.27 -12.79 0.28
C TRP A 241 14.07 -12.19 -0.89
N LYS A 242 14.56 -10.97 -0.69
CA LYS A 242 15.50 -10.33 -1.62
C LYS A 242 16.63 -9.77 -0.77
N GLY A 243 17.83 -10.33 -0.95
CA GLY A 243 18.94 -9.99 -0.09
C GLY A 243 18.77 -10.42 1.34
N ASN A 244 17.94 -11.44 1.59
CA ASN A 244 17.68 -11.92 2.93
C ASN A 244 18.53 -13.15 3.21
N PRO A 245 19.45 -13.12 4.18
CA PRO A 245 20.31 -14.30 4.41
C PRO A 245 19.56 -15.54 4.81
N GLN A 246 18.32 -15.43 5.30
CA GLN A 246 17.55 -16.61 5.66
C GLN A 246 17.01 -17.34 4.44
N LEU A 247 16.93 -16.65 3.29
CA LEU A 247 16.47 -17.21 2.01
C LEU A 247 17.36 -16.58 0.93
N SER A 248 18.65 -16.92 0.97
CA SER A 248 19.63 -16.15 0.22
C SER A 248 19.45 -16.24 -1.30
N ASP A 249 18.80 -17.28 -1.80
CA ASP A 249 18.51 -17.40 -3.23
C ASP A 249 17.07 -17.05 -3.56
N GLY A 250 16.25 -16.72 -2.58
CA GLY A 250 14.85 -16.49 -2.78
C GLY A 250 14.00 -17.70 -2.43
N LEU A 251 12.77 -17.66 -2.90
CA LEU A 251 11.75 -18.64 -2.58
C LEU A 251 11.40 -19.47 -3.82
N VAL A 252 11.25 -20.79 -3.64
CA VAL A 252 10.77 -21.65 -4.71
C VAL A 252 9.24 -21.61 -4.74
N TYR A 253 8.69 -21.17 -5.86
CA TYR A 253 7.24 -21.17 -6.08
C TYR A 253 6.92 -22.46 -6.82
N GLU A 254 6.61 -23.51 -6.05
CA GLU A 254 6.49 -24.84 -6.61
C GLU A 254 5.43 -24.88 -7.70
N GLY A 255 5.80 -25.46 -8.85
CA GLY A 255 4.90 -25.59 -9.97
C GLY A 255 4.79 -24.38 -10.85
N PHE A 256 5.48 -23.29 -10.51
CA PHE A 256 5.47 -22.10 -11.36
C PHE A 256 6.84 -21.77 -11.93
N TRP A 257 7.86 -21.69 -11.09
CA TRP A 257 9.24 -21.58 -11.55
C TRP A 257 10.08 -22.71 -11.00
N GLU A 258 11.03 -23.17 -11.79
CA GLU A 258 11.94 -24.21 -11.34
C GLU A 258 12.90 -23.69 -10.29
N ASP A 259 13.45 -22.48 -10.50
CA ASP A 259 14.48 -21.93 -9.64
C ASP A 259 13.86 -20.96 -8.61
N PRO A 260 14.50 -20.81 -7.46
CA PRO A 260 14.01 -19.83 -6.48
C PRO A 260 14.10 -18.42 -7.04
N LYS A 261 13.23 -17.55 -6.53
CA LYS A 261 13.10 -16.19 -7.00
C LYS A 261 13.04 -15.22 -5.83
N GLU A 262 13.73 -14.10 -5.98
CA GLU A 262 13.82 -13.06 -4.97
C GLU A 262 12.78 -11.98 -5.21
N PHE A 263 12.02 -11.65 -4.18
CA PHE A 263 11.11 -10.50 -4.18
C PHE A 263 11.25 -9.81 -2.84
N ALA A 264 11.14 -8.48 -2.88
CA ALA A 264 11.40 -7.65 -1.72
C ALA A 264 10.18 -7.59 -0.80
N GLY A 265 10.46 -7.52 0.50
CA GLY A 265 9.44 -7.25 1.49
C GLY A 265 9.03 -5.79 1.50
N GLY A 266 8.19 -5.45 2.48
CA GLY A 266 7.54 -4.16 2.47
C GLY A 266 8.51 -3.00 2.64
N SER A 267 8.14 -1.88 2.03
CA SER A 267 8.86 -0.62 2.13
C SER A 267 7.82 0.50 2.12
N ALA A 268 8.08 1.56 2.89
CA ALA A 268 7.22 2.74 2.81
C ALA A 268 7.23 3.33 1.41
N GLY A 269 8.23 3.01 0.60
CA GLY A 269 8.26 3.44 -0.80
C GLY A 269 7.17 2.84 -1.65
N GLN A 270 6.40 1.89 -1.13
CA GLN A 270 5.30 1.30 -1.88
C GLN A 270 4.05 2.16 -1.86
N SER A 271 3.94 3.11 -0.93
CA SER A 271 2.85 4.06 -0.99
C SER A 271 3.09 5.05 -2.12
N SER A 272 2.07 5.26 -2.95
CA SER A 272 2.20 6.21 -4.05
C SER A 272 2.12 7.67 -3.58
N VAL A 273 1.79 7.90 -2.31
CA VAL A 273 1.59 9.27 -1.85
C VAL A 273 2.88 10.09 -1.95
N PHE A 274 4.00 9.50 -1.54
CA PHE A 274 5.27 10.25 -1.55
C PHE A 274 5.63 10.72 -2.95
N GLN A 275 5.67 9.81 -3.91
CA GLN A 275 6.06 10.18 -5.27
CA GLN A 275 6.06 10.18 -5.27
C GLN A 275 5.03 11.09 -5.91
N CYS A 276 3.75 10.84 -5.64
CA CYS A 276 2.69 11.67 -6.20
C CYS A 276 2.97 13.15 -5.93
N PHE A 277 3.17 13.51 -4.67
CA PHE A 277 3.34 14.91 -4.33
C PHE A 277 4.78 15.39 -4.46
N ASP A 278 5.77 14.51 -4.36
CA ASP A 278 7.12 14.86 -4.77
C ASP A 278 7.13 15.37 -6.21
N VAL A 279 6.48 14.62 -7.11
CA VAL A 279 6.47 14.99 -8.52
C VAL A 279 5.63 16.25 -8.72
N LEU A 280 4.45 16.29 -8.10
CA LEU A 280 3.59 17.46 -8.27
C LEU A 280 4.31 18.74 -7.86
N LEU A 281 5.04 18.70 -6.75
CA LEU A 281 5.67 19.88 -6.19
C LEU A 281 7.10 20.09 -6.66
N GLY A 282 7.60 19.21 -7.53
CA GLY A 282 8.96 19.38 -8.03
C GLY A 282 10.03 19.25 -6.98
N ILE A 283 9.84 18.36 -6.00
CA ILE A 283 10.82 18.17 -4.93
C ILE A 283 11.32 16.74 -4.92
N GLN A 284 11.28 16.07 -6.08
CA GLN A 284 11.79 14.71 -6.20
C GLN A 284 13.27 14.64 -5.81
N HIS A 291 22.07 4.33 -5.35
CA HIS A 291 21.46 3.04 -5.06
C HIS A 291 20.06 3.24 -4.48
N ALA A 292 19.79 4.46 -4.01
CA ALA A 292 18.47 4.78 -3.48
C ALA A 292 17.46 5.04 -4.59
N ALA A 293 17.91 5.56 -5.73
CA ALA A 293 17.01 5.74 -6.86
C ALA A 293 16.58 4.40 -7.44
N GLN A 294 17.52 3.47 -7.58
CA GLN A 294 17.18 2.13 -8.07
C GLN A 294 16.18 1.47 -7.13
N PHE A 295 16.44 1.51 -5.82
CA PHE A 295 15.50 0.90 -4.87
C PHE A 295 14.14 1.56 -4.96
N LEU A 296 14.12 2.89 -5.10
CA LEU A 296 12.87 3.62 -5.17
C LEU A 296 12.06 3.18 -6.40
N GLN A 297 12.72 3.07 -7.56
CA GLN A 297 12.00 2.66 -8.76
C GLN A 297 11.54 1.21 -8.64
N ASP A 298 12.33 0.35 -8.00
N ASP A 298 12.35 0.36 -8.01
CA ASP A 298 11.88 -1.02 -7.81
CA ASP A 298 11.95 -1.02 -7.75
C ASP A 298 10.60 -1.07 -6.98
C ASP A 298 10.62 -1.06 -6.99
N MET A 299 10.51 -0.24 -5.94
CA MET A 299 9.29 -0.26 -5.13
C MET A 299 8.10 0.29 -5.92
N ARG A 300 8.36 1.16 -6.90
CA ARG A 300 7.29 1.61 -7.78
C ARG A 300 6.68 0.44 -8.56
N ARG A 301 7.50 -0.53 -8.95
CA ARG A 301 6.98 -1.72 -9.60
C ARG A 301 6.20 -2.62 -8.65
N TYR A 302 6.23 -2.34 -7.35
CA TYR A 302 5.39 -3.05 -6.40
C TYR A 302 4.07 -2.32 -6.13
N MET A 303 3.83 -1.14 -6.76
CA MET A 303 2.50 -0.54 -6.74
C MET A 303 1.66 -1.09 -7.88
N PRO A 304 0.33 -0.99 -7.76
CA PRO A 304 -0.53 -1.40 -8.87
C PRO A 304 -0.11 -0.69 -10.16
N PRO A 305 -0.16 -1.38 -11.30
CA PRO A 305 0.36 -0.76 -12.54
C PRO A 305 -0.34 0.53 -12.92
N ALA A 306 -1.65 0.64 -12.66
CA ALA A 306 -2.37 1.85 -12.99
C ALA A 306 -1.85 3.04 -12.18
N HIS A 307 -1.40 2.81 -10.95
CA HIS A 307 -0.87 3.89 -10.14
C HIS A 307 0.50 4.31 -10.63
N ARG A 308 1.32 3.36 -11.07
CA ARG A 308 2.56 3.70 -11.76
C ARG A 308 2.28 4.63 -12.93
N ASN A 309 1.27 4.29 -13.72
CA ASN A 309 0.96 5.08 -14.91
CA ASN A 309 0.95 5.09 -14.91
C ASN A 309 0.53 6.50 -14.53
N PHE A 310 -0.23 6.63 -13.44
CA PHE A 310 -0.60 7.97 -12.97
C PHE A 310 0.65 8.78 -12.60
N LEU A 311 1.55 8.18 -11.82
CA LEU A 311 2.78 8.86 -11.45
C LEU A 311 3.56 9.29 -12.68
N CYS A 312 3.60 8.44 -13.70
CA CYS A 312 4.33 8.80 -14.92
CA CYS A 312 4.33 8.80 -14.93
C CYS A 312 3.65 9.95 -15.65
N SER A 313 2.32 9.93 -15.74
CA SER A 313 1.60 11.03 -16.38
C SER A 313 1.86 12.35 -15.66
N LEU A 314 1.95 12.31 -14.32
CA LEU A 314 2.23 13.52 -13.56
CA LEU A 314 2.23 13.52 -13.56
C LEU A 314 3.56 14.14 -13.96
N GLU A 315 4.57 13.30 -14.20
CA GLU A 315 5.90 13.78 -14.57
C GLU A 315 5.89 14.45 -15.93
N SER A 316 4.91 14.16 -16.78
CA SER A 316 4.80 14.73 -18.11
CA SER A 316 4.80 14.73 -18.11
C SER A 316 4.11 16.09 -18.11
N ASN A 317 3.82 16.66 -16.95
CA ASN A 317 3.10 17.92 -16.85
C ASN A 317 4.05 19.07 -16.59
N PRO A 318 3.59 20.31 -16.81
CA PRO A 318 4.42 21.47 -16.50
C PRO A 318 4.72 21.56 -15.02
N SER A 319 5.78 22.29 -14.69
CA SER A 319 6.24 22.41 -13.31
C SER A 319 5.38 23.41 -12.54
N VAL A 320 4.71 22.93 -11.50
CA VAL A 320 3.98 23.81 -10.59
C VAL A 320 4.95 24.74 -9.87
N ARG A 321 6.08 24.21 -9.42
CA ARG A 321 7.04 25.02 -8.67
C ARG A 321 7.52 26.21 -9.50
N GLU A 322 7.91 25.97 -10.75
CA GLU A 322 8.47 27.04 -11.55
C GLU A 322 7.38 28.06 -11.92
N PHE A 323 6.16 27.59 -12.16
CA PHE A 323 5.05 28.51 -12.38
C PHE A 323 4.88 29.43 -11.17
N VAL A 324 4.77 28.85 -9.97
CA VAL A 324 4.50 29.64 -8.78
C VAL A 324 5.61 30.66 -8.53
N LEU A 325 6.86 30.23 -8.67
CA LEU A 325 7.98 31.10 -8.30
C LEU A 325 8.22 32.21 -9.32
N SER A 326 7.50 32.21 -10.43
CA SER A 326 7.64 33.24 -11.45
C SER A 326 6.61 34.36 -11.34
N LYS A 327 5.65 34.25 -10.42
CA LYS A 327 4.49 35.15 -10.43
C LYS A 327 4.63 36.37 -9.53
N GLY A 328 5.67 36.45 -8.70
CA GLY A 328 5.79 37.58 -7.79
C GLY A 328 4.57 37.69 -6.90
N ASP A 329 4.13 36.56 -6.37
CA ASP A 329 2.84 36.40 -5.70
C ASP A 329 3.06 35.71 -4.36
N ALA A 330 3.08 36.48 -3.27
CA ALA A 330 3.35 35.90 -1.97
C ALA A 330 2.37 34.81 -1.61
N GLY A 331 1.09 35.01 -1.89
CA GLY A 331 0.07 34.05 -1.49
C GLY A 331 0.24 32.71 -2.17
N LEU A 332 0.49 32.71 -3.48
CA LEU A 332 0.74 31.47 -4.20
C LEU A 332 1.96 30.77 -3.65
N ARG A 333 3.04 31.52 -3.40
CA ARG A 333 4.26 30.89 -2.89
C ARG A 333 4.06 30.33 -1.51
N GLU A 334 3.36 31.06 -0.63
CA GLU A 334 3.08 30.55 0.71
C GLU A 334 2.25 29.26 0.63
N ALA A 335 1.24 29.25 -0.25
CA ALA A 335 0.44 28.04 -0.41
C ALA A 335 1.28 26.88 -0.92
N TYR A 336 2.14 27.14 -1.89
CA TYR A 336 3.05 26.10 -2.39
C TYR A 336 3.99 25.64 -1.27
N ASP A 337 4.57 26.58 -0.53
CA ASP A 337 5.46 26.22 0.57
C ASP A 337 4.72 25.40 1.64
N ALA A 338 3.44 25.68 1.85
CA ALA A 338 2.66 24.90 2.81
C ALA A 338 2.52 23.45 2.36
N CYS A 339 2.35 23.21 1.06
CA CYS A 339 2.32 21.84 0.57
C CYS A 339 3.67 21.16 0.75
N VAL A 340 4.75 21.85 0.40
CA VAL A 340 6.09 21.26 0.58
C VAL A 340 6.31 20.92 2.04
N LYS A 341 6.00 21.86 2.94
CA LYS A 341 6.19 21.61 4.36
C LYS A 341 5.39 20.39 4.81
N ALA A 342 4.13 20.28 4.37
CA ALA A 342 3.30 19.16 4.79
C ALA A 342 3.89 17.83 4.32
N LEU A 343 4.36 17.78 3.08
CA LEU A 343 4.95 16.55 2.56
CA LEU A 343 4.95 16.55 2.56
C LEU A 343 6.24 16.21 3.28
N VAL A 344 7.10 17.21 3.50
CA VAL A 344 8.35 16.97 4.21
C VAL A 344 8.06 16.47 5.63
N SER A 345 7.01 17.01 6.25
CA SER A 345 6.65 16.56 7.60
C SER A 345 6.19 15.10 7.60
N LEU A 346 5.51 14.67 6.53
CA LEU A 346 5.17 13.25 6.42
C LEU A 346 6.41 12.40 6.29
N ARG A 347 7.38 12.84 5.47
CA ARG A 347 8.64 12.12 5.36
C ARG A 347 9.36 12.03 6.70
N SER A 348 9.45 13.17 7.40
CA SER A 348 10.15 13.19 8.68
CA SER A 348 10.15 13.19 8.69
C SER A 348 9.47 12.28 9.69
N TYR A 349 8.13 12.26 9.69
CA TYR A 349 7.42 11.42 10.65
C TYR A 349 7.65 9.94 10.34
N HIS A 350 7.65 9.58 9.06
CA HIS A 350 8.00 8.22 8.68
C HIS A 350 9.36 7.82 9.25
N LEU A 351 10.34 8.72 9.18
CA LEU A 351 11.66 8.42 9.71
C LEU A 351 11.62 8.28 11.23
N GLN A 352 10.81 9.09 11.91
CA GLN A 352 10.63 8.95 13.35
C GLN A 352 10.01 7.60 13.69
N ILE A 353 9.04 7.15 12.90
CA ILE A 353 8.43 5.84 13.13
C ILE A 353 9.45 4.74 12.91
N VAL A 354 10.27 4.85 11.86
CA VAL A 354 11.30 3.84 11.61
C VAL A 354 12.25 3.76 12.80
N THR A 355 12.55 4.91 13.40
CA THR A 355 13.44 4.93 14.56
C THR A 355 12.79 4.27 15.77
N LYS A 356 11.55 4.66 16.09
CA LYS A 356 10.91 4.16 17.31
C LYS A 356 10.48 2.71 17.18
N TYR A 357 10.05 2.29 15.99
CA TYR A 357 9.43 0.98 15.85
C TYR A 357 10.36 -0.08 15.26
N ILE A 358 11.54 0.31 14.76
CA ILE A 358 12.45 -0.66 14.18
C ILE A 358 13.87 -0.49 14.74
N LEU A 359 14.46 0.69 14.57
CA LEU A 359 15.87 0.85 14.93
C LEU A 359 16.09 0.68 16.42
N ILE A 360 15.28 1.33 17.24
CA ILE A 360 15.44 1.23 18.69
C ILE A 360 15.15 -0.20 19.14
N PRO A 361 13.97 -0.77 18.87
CA PRO A 361 13.75 -2.16 19.28
C PRO A 361 14.84 -3.11 18.83
N ALA A 362 15.42 -2.90 17.64
CA ALA A 362 16.56 -3.71 17.22
C ALA A 362 17.75 -3.51 18.14
N SER A 363 17.99 -2.27 18.56
N SER A 363 17.99 -2.27 18.57
CA SER A 363 19.06 -2.00 19.52
CA SER A 363 19.07 -2.00 19.51
C SER A 363 18.90 -2.83 20.78
C SER A 363 18.91 -2.78 20.80
N GLN A 364 17.66 -3.05 21.20
CA GLN A 364 17.39 -3.77 22.44
C GLN A 364 17.55 -5.27 22.27
O1 PG4 B . -8.69 -22.24 19.35
C1 PG4 B . -7.95 -22.95 18.37
C2 PG4 B . -6.77 -23.65 18.97
O2 PG4 B . -5.58 -23.18 18.35
C3 PG4 B . -4.99 -22.06 19.01
C4 PG4 B . -3.97 -22.51 20.00
O3 PG4 B . -2.99 -21.50 20.23
C5 PG4 B . -2.25 -21.82 21.39
C6 PG4 B . -0.88 -22.29 21.02
O4 PG4 B . -0.65 -23.55 21.62
C7 PG4 B . 0.65 -24.01 21.25
C8 PG4 B . 0.53 -25.27 20.45
O5 PG4 B . -0.16 -26.25 21.19
HO1 PG4 B . -8.18 -21.62 19.64
H11 PG4 B . -8.53 -23.61 17.96
H12 PG4 B . -7.64 -22.33 17.69
H21 PG4 B . -6.73 -23.47 19.93
H22 PG4 B . -6.85 -24.60 18.84
H31 PG4 B . -4.57 -21.49 18.35
H32 PG4 B . -5.68 -21.56 19.47
H41 PG4 B . -4.41 -22.72 20.84
H42 PG4 B . -3.54 -23.31 19.67
H51 PG4 B . -2.17 -21.02 21.94
H52 PG4 B . -2.70 -22.51 21.88
H61 PG4 B . -0.81 -22.37 20.05
H62 PG4 B . -0.22 -21.65 21.34
H71 PG4 B . 1.09 -23.32 20.72
H72 PG4 B . 1.17 -24.19 22.05
H81 PG4 B . 0.04 -25.08 19.63
H82 PG4 B . 1.42 -25.59 20.22
HO5 PG4 B . -0.63 -25.84 21.76
O1 PG4 C . -11.85 -24.92 14.00
C1 PG4 C . -12.88 -23.95 14.18
C2 PG4 C . -12.31 -22.63 14.65
O2 PG4 C . -11.92 -22.74 16.01
C3 PG4 C . -11.09 -21.68 16.45
C4 PG4 C . -11.90 -20.46 16.72
O3 PG4 C . -11.53 -19.42 15.82
C5 PG4 C . -10.64 -18.51 16.44
C6 PG4 C . -11.37 -17.23 16.72
O4 PG4 C . -12.76 -17.49 16.87
C7 PG4 C . -13.28 -16.52 17.76
C8 PG4 C . -14.78 -16.61 17.76
O5 PG4 C . -15.28 -16.28 19.05
HO1 PG4 C . -11.72 -25.28 14.75
H11 PG4 C . -13.34 -23.81 13.34
H12 PG4 C . -13.50 -24.27 14.85
H21 PG4 C . -11.53 -22.41 14.11
H22 PG4 C . -12.97 -21.94 14.55
H31 PG4 C . -10.63 -21.95 17.27
H32 PG4 C . -10.43 -21.49 15.77
H41 PG4 C . -12.84 -20.67 16.60
H42 PG4 C . -11.75 -20.16 17.63
H51 PG4 C . -10.32 -18.89 17.29
H52 PG4 C . -9.89 -18.33 15.86
H61 PG4 C . -11.03 -16.83 17.54
H62 PG4 C . -11.23 -16.62 15.97
H71 PG4 C . -12.95 -16.70 18.66
H72 PG4 C . -13.01 -15.64 17.48
H81 PG4 C . -15.14 -15.99 17.11
H82 PG4 C . -15.06 -17.51 17.54
HO5 PG4 C . -14.91 -15.56 19.28
C1 PGE D . 3.16 -14.03 19.17
O1 PGE D . 4.18 -14.72 19.89
C2 PGE D . 2.94 -12.72 19.89
O2 PGE D . 1.94 -11.92 19.29
C3 PGE D . 2.07 -10.53 19.56
C4 PGE D . 2.10 -10.18 21.05
O4 PGE D . 5.62 -8.03 22.02
C6 PGE D . 5.19 -9.17 22.74
C5 PGE D . 4.38 -10.07 21.84
O3 PGE D . 3.25 -9.38 21.33
H1 PGE D . 3.45 -13.82 18.13
H12 PGE D . 2.21 -14.60 19.14
HO1 PGE D . 4.96 -14.15 19.91
H2 PGE D . 2.66 -12.95 20.93
H22 PGE D . 3.89 -12.17 19.90
H3 PGE D . 3.00 -10.15 19.11
H32 PGE D . 1.22 -9.98 19.11
H4 PGE D . 1.18 -9.63 21.31
H42 PGE D . 2.12 -11.11 21.64
HO4 PGE D . 6.03 -8.35 21.19
H6 PGE D . 6.06 -9.75 23.13
H62 PGE D . 4.57 -8.88 23.61
H5 PGE D . 4.07 -10.96 22.42
H52 PGE D . 5.03 -10.42 21.02
S DMS E . 16.35 -8.67 4.65
O DMS E . 17.44 -8.79 5.66
C1 DMS E . 14.85 -8.04 5.46
C2 DMS E . 16.72 -7.29 3.52
H11 DMS E . 15.07 -7.77 6.46
H12 DMS E . 14.11 -8.80 5.45
H13 DMS E . 14.50 -7.20 4.93
H21 DMS E . 16.71 -6.38 4.06
H22 DMS E . 15.98 -7.25 2.76
H23 DMS E . 17.67 -7.44 3.08
S DMS F . -11.58 4.98 -10.57
O DMS F . -12.91 5.66 -10.53
C1 DMS F . -11.26 4.13 -8.99
C2 DMS F . -11.70 3.51 -11.63
H11 DMS F . -11.99 3.37 -8.85
H12 DMS F . -11.34 4.83 -8.19
H13 DMS F . -10.30 3.72 -9.01
H21 DMS F . -11.59 3.80 -12.64
H22 DMS F . -12.64 3.04 -11.50
H23 DMS F . -10.92 2.83 -11.37
C1 A1IEE G . 9.20 -1.13 6.34
C10 A1IEE G . 2.20 5.00 6.19
C11 A1IEE G . 1.75 6.37 6.67
C12 A1IEE G . 2.20 7.53 5.79
C13 A1IEE G . 3.75 7.49 5.67
C14 A1IEE G . 3.50 6.44 4.54
C15 A1IEE G . 2.16 7.19 4.27
C16 A1IEE G . 2.35 8.41 3.37
C17 A1IEE G . 0.90 6.48 3.77
C18 A1IEE G . 3.34 5.03 5.13
C19 A1IEE G . 3.13 3.99 4.04
C2 A1IEE G . 7.74 -1.29 6.76
C20 A1IEE G . 3.50 1.65 3.89
C21 A1IEE G . 3.53 -0.84 4.13
C22 A1IEE G . 2.96 -1.88 4.86
C23 A1IEE G . 3.13 -3.20 4.45
C24 A1IEE G . 3.86 -3.48 3.30
C25 A1IEE G . 4.43 -2.44 2.58
C26 A1IEE G . 4.26 -1.13 2.99
C27 A1IEE G . 4.62 4.64 5.87
C28 A1IEE G . 7.26 2.18 8.34
C29 A1IEE G . 7.80 0.96 7.95
C3 A1IEE G . 7.71 -2.20 7.98
C4 A1IEE G . 7.00 -2.01 5.64
C5 A1IEE G . 7.12 0.06 7.15
C6 A1IEE G . 5.82 0.42 6.76
C7 A1IEE G . 5.26 1.62 7.12
C8 A1IEE G . 5.98 2.50 7.92
C9 A1IEE G . 2.82 4.11 7.27
I1 A1IEE G . 4.11 -5.47 2.69
N1 A1IEE G . 4.23 4.55 7.30
N2 A1IEE G . 3.31 0.49 4.57
O1 A1IEE G . 6.35 5.00 8.40
O2 A1IEE G . 4.53 3.83 9.61
O3 A1IEE G . 3.05 2.67 4.63
O4 A1IEE G . 3.98 1.76 2.78
S1 A1IEE G . 5.28 4.05 8.41
H1 A1IEE G . 9.74 -0.87 7.12
H2 A1IEE G . 9.27 -0.44 5.66
H3 A1IEE G . 9.53 -1.97 5.98
H14 A1IEE G . 1.41 4.57 5.77
H16 A1IEE G . 2.09 6.52 7.58
H15 A1IEE G . 0.77 6.39 6.72
H17 A1IEE G . 1.79 8.41 6.03
H19 A1IEE G . 4.21 7.14 6.46
H18 A1IEE G . 4.15 8.33 5.36
H20 A1IEE G . 4.12 6.47 3.76
H21 A1IEE G . 3.28 8.71 3.42
H22 A1IEE G . 1.76 9.12 3.66
H23 A1IEE G . 2.14 8.16 2.45
H26 A1IEE G . 0.65 5.78 4.41
H24 A1IEE G . 1.08 6.08 2.91
H25 A1IEE G . 0.17 7.11 3.69
H27 A1IEE G . 3.88 4.02 3.40
H28 A1IEE G . 2.31 4.18 3.54
H30 A1IEE G . 2.46 -1.70 5.63
H31 A1IEE G . 2.75 -3.90 4.94
H32 A1IEE G . 4.94 -2.64 1.81
H33 A1IEE G . 4.63 -0.43 2.48
H34 A1IEE G . 4.96 3.77 5.55
H35 A1IEE G . 5.33 5.31 5.74
H36 A1IEE G . 7.74 2.76 8.87
H37 A1IEE G . 8.68 0.74 8.24
H5 A1IEE G . 8.23 -1.80 8.71
H6 A1IEE G . 8.08 -3.06 7.75
H4 A1IEE G . 6.79 -2.32 8.28
H7 A1IEE G . 6.09 -2.21 5.92
H8 A1IEE G . 7.46 -2.83 5.42
H9 A1IEE G . 6.98 -1.43 4.85
H10 A1IEE G . 5.33 -0.18 6.22
H11 A1IEE G . 4.39 1.84 6.84
H13 A1IEE G . 2.38 4.26 8.14
H12 A1IEE G . 2.74 3.15 7.03
H29 A1IEE G . 3.03 0.57 5.38
O1 PG4 H . 12.29 0.94 2.69
C1 PG4 H . 11.70 0.92 3.99
C2 PG4 H . 11.19 2.26 4.39
O2 PG4 H . 12.20 3.23 4.10
C3 PG4 H . 11.72 4.39 3.42
C4 PG4 H . 11.96 4.29 1.95
O3 PG4 H . 11.60 5.51 1.31
C5 PG4 H . 10.19 5.60 1.20
C6 PG4 H . 9.66 6.63 2.15
O4 PG4 H . 10.60 7.69 2.24
C7 PG4 H . 10.00 8.90 1.84
C8 PG4 H . 11.04 9.74 1.18
O5 PG4 H . 10.42 10.48 0.14
HO1 PG4 H . 12.13 0.19 2.33
H11 PG4 H . 10.96 0.28 3.99
H12 PG4 H . 12.37 0.63 4.63
H21 PG4 H . 10.99 2.27 5.33
H22 PG4 H . 10.39 2.46 3.88
H31 PG4 H . 10.76 4.47 3.58
H32 PG4 H . 12.17 5.17 3.76
H41 PG4 H . 12.89 4.10 1.79
H42 PG4 H . 11.42 3.57 1.58
H51 PG4 H . 9.79 4.74 1.40
H52 PG4 H . 9.95 5.86 0.29
H61 PG4 H . 9.54 6.23 3.02
H62 PG4 H . 8.81 6.97 1.82
H71 PG4 H . 9.64 9.36 2.61
H72 PG4 H . 9.28 8.72 1.21
H81 PG4 H . 11.75 9.18 0.82
H82 PG4 H . 11.43 10.36 1.83
HO5 PG4 H . 9.64 10.68 0.42
S DMS I . -20.18 -22.59 11.08
O DMS I . -19.82 -21.84 12.32
C1 DMS I . -21.23 -21.54 10.02
C2 DMS I . -18.71 -22.76 10.02
H11 DMS I . -22.17 -21.42 10.47
H12 DMS I . -21.35 -22.02 9.07
H13 DMS I . -20.77 -20.60 9.88
H21 DMS I . -18.09 -23.52 10.42
H22 DMS I . -18.19 -21.85 9.99
H23 DMS I . -19.01 -23.03 9.04
S DMS J . -16.49 -22.59 12.49
O DMS J . -16.31 -23.90 13.18
C1 DMS J . -16.10 -21.23 13.62
C2 DMS J . -15.17 -22.37 11.26
H11 DMS J . -15.15 -21.39 14.05
H12 DMS J . -16.83 -21.19 14.38
H13 DMS J . -16.09 -20.32 13.08
H21 DMS J . -15.27 -21.42 10.79
H22 DMS J . -15.24 -23.14 10.53
H23 DMS J . -14.23 -22.43 11.75
#